data_4TPW
#
_entry.id   4TPW
#
_cell.length_a   39.340
_cell.length_b   73.200
_cell.length_c   65.720
_cell.angle_alpha   90.00
_cell.angle_beta   106.25
_cell.angle_gamma   90.00
#
_symmetry.space_group_name_H-M   'P 1 21 1'
#
loop_
_entity.id
_entity.type
_entity.pdbx_description
1 polymer 'Eukaryotic translation initiation factor 4E'
2 non-polymer "7-METHYL-GUANOSINE-5'-TRIPHOSPHATE"
3 non-polymer '(2E)-2-{2-[4-(3,4-dichlorophenyl)-1,3-thiazol-2-yl]hydrazinylidene}-3-(2-nitrophenyl)propanoic acid'
4 non-polymer '2-(N-MORPHOLINO)-ETHANESULFONIC ACID'
5 water water
#
_entity_poly.entity_id   1
_entity_poly.type   'polypeptide(L)'
_entity_poly.pdbx_seq_one_letter_code
;MVANPEHYIKHPLQNRWALWFFKNDKSKTWQANLRLISKFDTVEDFWALYNHIQLSSNLMPGCDYSLFKDGIEPMWEDEK
NKRGGRWLITLNKQQRRSDLDRFWLETLLCLIGESFDDYSDDVCGAVVNVRAKGDKIAIWTTECENREAVTHIGRVYKER
LGLPPKIVIGYQSHADTATKSGSTTKNRFVV
;
_entity_poly.pdbx_strand_id   A,B
#
# COMPACT_ATOMS: atom_id res chain seq x y z
N HIS A 7 15.63 -5.37 20.08
CA HIS A 7 15.26 -6.67 19.53
C HIS A 7 14.21 -6.51 18.44
N TYR A 8 14.47 -7.10 17.28
CA TYR A 8 13.59 -6.98 16.12
C TYR A 8 13.38 -8.31 15.41
N ILE A 9 12.17 -8.85 15.56
CA ILE A 9 11.80 -10.10 14.92
C ILE A 9 11.20 -9.81 13.54
N LYS A 10 11.41 -10.73 12.61
CA LYS A 10 10.78 -10.63 11.29
C LYS A 10 9.41 -11.28 11.34
N HIS A 11 8.52 -10.86 10.45
CA HIS A 11 7.14 -11.31 10.43
C HIS A 11 6.85 -12.19 9.22
N PRO A 12 6.70 -13.51 9.43
CA PRO A 12 6.51 -14.42 8.30
C PRO A 12 5.20 -14.19 7.55
N LEU A 13 5.24 -14.38 6.24
CA LEU A 13 4.05 -14.43 5.41
C LEU A 13 3.53 -15.86 5.39
N GLN A 14 2.26 -16.04 5.04
CA GLN A 14 1.68 -17.38 4.94
CA GLN A 14 1.69 -17.38 4.96
C GLN A 14 2.37 -18.18 3.85
N ASN A 15 2.76 -17.48 2.78
CA ASN A 15 3.43 -18.10 1.65
C ASN A 15 4.75 -17.42 1.30
N ARG A 16 5.63 -18.19 0.66
CA ARG A 16 6.83 -17.64 0.04
C ARG A 16 6.47 -17.24 -1.38
N TRP A 17 6.99 -16.10 -1.80
CA TRP A 17 6.67 -15.50 -3.08
C TRP A 17 7.93 -15.25 -3.88
N ALA A 18 7.77 -15.24 -5.21
CA ALA A 18 8.88 -14.97 -6.12
C ALA A 18 8.48 -13.85 -7.05
N LEU A 19 9.35 -12.86 -7.19
CA LEU A 19 9.14 -11.78 -8.13
C LEU A 19 9.89 -12.07 -9.42
N TRP A 20 9.19 -11.93 -10.54
CA TRP A 20 9.74 -12.20 -11.87
C TRP A 20 9.72 -10.94 -12.72
N PHE A 21 10.72 -10.80 -13.59
CA PHE A 21 10.78 -9.73 -14.58
C PHE A 21 10.58 -10.31 -15.96
N PHE A 22 9.92 -9.55 -16.84
CA PHE A 22 9.73 -9.96 -18.23
C PHE A 22 9.96 -8.79 -19.17
N LYS A 23 10.79 -9.01 -20.19
CA LYS A 23 11.05 -8.01 -21.22
CA LYS A 23 11.06 -8.01 -21.22
C LYS A 23 10.46 -8.43 -22.56
N ASN A 24 9.52 -7.66 -23.06
CA ASN A 24 8.88 -7.97 -24.33
C ASN A 24 9.85 -8.04 -25.49
N ASP A 25 9.74 -9.10 -26.29
CA ASP A 25 10.54 -9.25 -27.49
C ASP A 25 9.96 -10.38 -28.34
N LYS A 26 9.13 -10.03 -29.31
CA LYS A 26 8.49 -11.02 -30.17
C LYS A 26 9.51 -11.76 -31.04
N SER A 27 10.71 -11.19 -31.16
CA SER A 27 11.79 -11.83 -31.88
C SER A 27 12.13 -13.19 -31.25
N LYS A 28 12.35 -13.17 -29.94
CA LYS A 28 12.64 -14.37 -29.20
C LYS A 28 11.36 -15.03 -28.72
N THR A 29 11.37 -16.34 -28.59
CA THR A 29 10.25 -17.08 -28.02
C THR A 29 9.92 -16.52 -26.63
N TRP A 30 8.65 -16.59 -26.25
CA TRP A 30 8.13 -15.90 -25.07
C TRP A 30 8.86 -16.28 -23.78
N GLN A 31 9.05 -17.57 -23.57
CA GLN A 31 9.67 -18.09 -22.34
CA GLN A 31 9.64 -18.05 -22.32
C GLN A 31 11.08 -17.54 -22.12
N ALA A 32 11.76 -17.24 -23.23
CA ALA A 32 13.14 -16.77 -23.16
C ALA A 32 13.27 -15.39 -22.54
N ASN A 33 12.15 -14.69 -22.38
CA ASN A 33 12.17 -13.29 -21.94
C ASN A 33 11.90 -13.13 -20.45
N LEU A 34 11.75 -14.24 -19.75
CA LEU A 34 11.41 -14.26 -18.33
C LEU A 34 12.65 -14.42 -17.45
N ARG A 35 12.75 -13.63 -16.38
CA ARG A 35 13.84 -13.76 -15.41
C ARG A 35 13.33 -13.71 -13.97
N LEU A 36 13.73 -14.70 -13.18
CA LEU A 36 13.48 -14.68 -11.74
C LEU A 36 14.36 -13.63 -11.07
N ILE A 37 13.75 -12.71 -10.33
CA ILE A 37 14.49 -11.67 -9.63
C ILE A 37 14.94 -12.16 -8.26
N SER A 38 13.97 -12.41 -7.38
CA SER A 38 14.26 -12.88 -6.02
C SER A 38 12.99 -13.37 -5.35
N LYS A 39 13.17 -13.95 -4.16
CA LYS A 39 12.08 -14.49 -3.38
C LYS A 39 12.07 -13.90 -1.98
N PHE A 40 10.93 -13.95 -1.32
CA PHE A 40 10.79 -13.46 0.05
C PHE A 40 9.66 -14.20 0.75
N ASP A 41 9.70 -14.24 2.08
CA ASP A 41 8.67 -14.91 2.86
C ASP A 41 8.38 -14.18 4.16
N THR A 42 8.78 -12.92 4.25
CA THR A 42 8.45 -12.06 5.39
C THR A 42 7.92 -10.70 4.93
N VAL A 43 7.20 -10.05 5.82
CA VAL A 43 6.71 -8.70 5.60
C VAL A 43 7.87 -7.73 5.33
N GLU A 44 8.91 -7.85 6.15
CA GLU A 44 10.06 -6.97 6.04
C GLU A 44 10.72 -7.09 4.66
N ASP A 45 10.89 -8.32 4.20
CA ASP A 45 11.56 -8.54 2.92
C ASP A 45 10.67 -8.15 1.74
N PHE A 46 9.35 -8.28 1.88
CA PHE A 46 8.46 -7.75 0.85
C PHE A 46 8.67 -6.26 0.67
N TRP A 47 8.60 -5.51 1.77
CA TRP A 47 8.68 -4.06 1.66
C TRP A 47 10.07 -3.60 1.20
N ALA A 48 11.11 -4.32 1.61
CA ALA A 48 12.46 -3.99 1.17
C ALA A 48 12.55 -4.07 -0.36
N LEU A 49 11.96 -5.11 -0.93
CA LEU A 49 11.99 -5.30 -2.37
C LEU A 49 11.09 -4.28 -3.07
N TYR A 50 9.87 -4.13 -2.58
CA TYR A 50 8.94 -3.16 -3.16
C TYR A 50 9.51 -1.74 -3.15
N ASN A 51 10.05 -1.31 -2.02
CA ASN A 51 10.57 0.04 -1.90
C ASN A 51 11.81 0.24 -2.77
N HIS A 52 12.60 -0.80 -2.94
CA HIS A 52 13.80 -0.74 -3.76
C HIS A 52 13.44 -0.51 -5.23
N ILE A 53 12.42 -1.22 -5.70
CA ILE A 53 11.98 -1.09 -7.07
C ILE A 53 11.35 0.28 -7.31
N GLN A 54 10.57 0.77 -6.35
CA GLN A 54 9.95 2.08 -6.48
C GLN A 54 11.01 3.18 -6.49
N LEU A 55 12.08 2.98 -5.74
CA LEU A 55 13.10 4.01 -5.56
C LEU A 55 14.14 4.04 -6.67
N SER A 56 14.63 2.87 -7.06
CA SER A 56 15.82 2.78 -7.92
C SER A 56 15.52 2.38 -9.36
N SER A 57 14.25 2.16 -9.68
CA SER A 57 13.88 1.72 -11.02
C SER A 57 12.78 2.58 -11.64
N ASN A 58 12.65 2.48 -12.96
CA ASN A 58 11.64 3.21 -13.72
C ASN A 58 10.78 2.23 -14.51
N LEU A 59 9.49 2.51 -14.63
CA LEU A 59 8.62 1.67 -15.44
C LEU A 59 9.03 1.83 -16.90
N MET A 60 8.84 0.78 -17.69
CA MET A 60 9.21 0.80 -19.09
C MET A 60 8.21 -0.04 -19.90
N PRO A 61 7.64 0.52 -20.97
CA PRO A 61 6.75 -0.26 -21.83
C PRO A 61 7.40 -1.57 -22.29
N GLY A 62 6.68 -2.68 -22.15
CA GLY A 62 7.19 -3.98 -22.54
C GLY A 62 7.94 -4.68 -21.41
N CYS A 63 7.98 -4.07 -20.24
CA CYS A 63 8.67 -4.64 -19.08
C CYS A 63 7.69 -4.99 -17.97
N ASP A 64 7.37 -6.28 -17.83
CA ASP A 64 6.36 -6.74 -16.89
C ASP A 64 6.96 -7.29 -15.60
N TYR A 65 6.20 -7.17 -14.51
CA TYR A 65 6.53 -7.83 -13.26
C TYR A 65 5.45 -8.85 -12.91
N SER A 66 5.86 -9.98 -12.35
CA SER A 66 4.94 -10.98 -11.87
C SER A 66 5.32 -11.42 -10.46
N LEU A 67 4.34 -11.52 -9.57
CA LEU A 67 4.58 -12.10 -8.25
C LEU A 67 3.78 -13.39 -8.14
N PHE A 68 4.48 -14.52 -8.03
CA PHE A 68 3.83 -15.81 -7.94
C PHE A 68 4.32 -16.59 -6.73
N LYS A 69 3.48 -17.50 -6.26
CA LYS A 69 3.84 -18.38 -5.16
C LYS A 69 5.06 -19.18 -5.57
N ASP A 70 5.93 -19.42 -4.61
CA ASP A 70 7.14 -20.20 -4.80
C ASP A 70 6.82 -21.52 -5.48
N GLY A 71 7.51 -21.79 -6.59
CA GLY A 71 7.36 -23.03 -7.32
C GLY A 71 6.41 -22.94 -8.51
N ILE A 72 5.70 -21.82 -8.63
CA ILE A 72 4.82 -21.59 -9.77
C ILE A 72 5.43 -20.56 -10.70
N GLU A 73 5.81 -21.00 -11.91
CA GLU A 73 6.33 -20.06 -12.90
C GLU A 73 5.17 -19.27 -13.49
N PRO A 74 5.41 -17.98 -13.79
CA PRO A 74 4.33 -17.09 -14.23
C PRO A 74 4.01 -17.24 -15.71
N MET A 75 3.66 -18.47 -16.09
CA MET A 75 3.33 -18.78 -17.47
C MET A 75 2.22 -19.84 -17.52
N TRP A 76 1.43 -19.80 -18.60
CA TRP A 76 0.33 -20.75 -18.80
C TRP A 76 0.77 -22.20 -18.66
N GLU A 77 2.01 -22.48 -19.09
CA GLU A 77 2.55 -23.83 -19.13
C GLU A 77 2.59 -24.53 -17.80
N ASP A 78 2.74 -23.76 -16.73
CA ASP A 78 2.93 -24.34 -15.41
C ASP A 78 1.76 -25.22 -15.03
N GLU A 79 2.07 -26.33 -14.36
CA GLU A 79 1.06 -27.29 -13.90
CA GLU A 79 1.04 -27.28 -13.92
C GLU A 79 -0.07 -26.58 -13.15
N LYS A 80 0.30 -25.56 -12.38
CA LYS A 80 -0.66 -24.86 -11.54
C LYS A 80 -1.44 -23.77 -12.29
N ASN A 81 -1.02 -23.45 -13.51
CA ASN A 81 -1.71 -22.44 -14.32
C ASN A 81 -2.48 -23.01 -15.52
N LYS A 82 -2.06 -24.15 -16.04
CA LYS A 82 -2.56 -24.63 -17.34
C LYS A 82 -4.09 -24.77 -17.38
N ARG A 83 -4.69 -25.17 -16.27
CA ARG A 83 -6.14 -25.32 -16.19
C ARG A 83 -6.80 -24.09 -15.59
N GLY A 84 -6.03 -23.01 -15.44
CA GLY A 84 -6.50 -21.84 -14.73
C GLY A 84 -6.87 -20.68 -15.63
N GLY A 85 -6.78 -19.47 -15.07
CA GLY A 85 -7.18 -18.28 -15.79
C GLY A 85 -6.88 -17.06 -14.96
N ARG A 86 -7.36 -15.91 -15.40
CA ARG A 86 -7.03 -14.66 -14.74
C ARG A 86 -8.19 -13.66 -14.73
N TRP A 87 -8.28 -12.92 -13.62
CA TRP A 87 -9.07 -11.70 -13.57
C TRP A 87 -8.23 -10.57 -14.14
N LEU A 88 -8.72 -9.92 -15.18
CA LEU A 88 -7.96 -8.88 -15.88
C LEU A 88 -8.53 -7.48 -15.65
N ILE A 89 -7.67 -6.59 -15.19
CA ILE A 89 -8.00 -5.17 -15.09
C ILE A 89 -7.24 -4.44 -16.19
N THR A 90 -7.98 -3.78 -17.08
CA THR A 90 -7.38 -3.00 -18.14
C THR A 90 -7.49 -1.53 -17.83
N LEU A 91 -6.33 -0.86 -17.73
CA LEU A 91 -6.28 0.56 -17.45
C LEU A 91 -6.33 1.38 -18.72
N ASN A 92 -6.89 2.58 -18.63
CA ASN A 92 -6.79 3.57 -19.69
CA ASN A 92 -6.78 3.54 -19.73
C ASN A 92 -5.38 4.12 -19.71
N LYS A 93 -5.00 4.83 -20.76
CA LYS A 93 -3.63 5.32 -20.87
C LYS A 93 -3.29 6.33 -19.77
N GLN A 94 -4.29 7.06 -19.28
CA GLN A 94 -4.05 8.10 -18.29
C GLN A 94 -4.01 7.55 -16.86
N GLN A 95 -4.47 6.32 -16.69
CA GLN A 95 -4.41 5.68 -15.38
C GLN A 95 -2.99 5.18 -15.06
N ARG A 96 -2.09 5.31 -16.03
CA ARG A 96 -0.67 5.01 -15.80
C ARG A 96 -0.18 5.80 -14.59
N ARG A 97 -0.44 7.11 -14.59
CA ARG A 97 -0.04 7.98 -13.49
C ARG A 97 -1.12 8.04 -12.42
N SER A 98 -0.71 7.81 -11.17
CA SER A 98 -1.59 7.93 -10.01
C SER A 98 -2.81 7.01 -10.06
N ASP A 99 -2.65 5.84 -10.67
CA ASP A 99 -3.59 4.74 -10.48
C ASP A 99 -2.87 3.39 -10.60
N LEU A 100 -1.97 3.28 -11.58
CA LEU A 100 -1.25 2.02 -11.79
C LEU A 100 -0.49 1.56 -10.54
N ASP A 101 0.24 2.49 -9.93
CA ASP A 101 1.04 2.16 -8.76
C ASP A 101 0.12 1.73 -7.60
N ARG A 102 -0.97 2.45 -7.42
CA ARG A 102 -1.94 2.10 -6.37
C ARG A 102 -2.55 0.72 -6.63
N PHE A 103 -3.00 0.48 -7.86
CA PHE A 103 -3.61 -0.80 -8.21
C PHE A 103 -2.63 -1.96 -8.01
N TRP A 104 -1.38 -1.77 -8.41
CA TRP A 104 -0.39 -2.84 -8.33
C TRP A 104 -0.05 -3.15 -6.88
N LEU A 105 0.17 -2.12 -6.06
CA LEU A 105 0.49 -2.36 -4.66
C LEU A 105 -0.69 -3.02 -3.95
N GLU A 106 -1.90 -2.53 -4.23
CA GLU A 106 -3.09 -3.12 -3.63
C GLU A 106 -3.23 -4.59 -4.05
N THR A 107 -2.85 -4.89 -5.29
CA THR A 107 -2.88 -6.26 -5.79
C THR A 107 -1.85 -7.11 -5.05
N LEU A 108 -0.63 -6.59 -4.93
CA LEU A 108 0.42 -7.30 -4.20
C LEU A 108 -0.01 -7.61 -2.78
N LEU A 109 -0.66 -6.65 -2.12
CA LEU A 109 -1.08 -6.84 -0.74
C LEU A 109 -2.22 -7.87 -0.63
N CYS A 110 -3.07 -7.96 -1.65
CA CYS A 110 -4.08 -9.02 -1.72
C CYS A 110 -3.43 -10.39 -1.72
N LEU A 111 -2.34 -10.52 -2.45
CA LEU A 111 -1.63 -11.78 -2.54
C LEU A 111 -0.96 -12.14 -1.22
N ILE A 112 -0.04 -11.31 -0.77
CA ILE A 112 0.80 -11.70 0.35
C ILE A 112 0.02 -11.69 1.66
N GLY A 113 -1.06 -10.91 1.70
CA GLY A 113 -1.93 -10.86 2.86
C GLY A 113 -3.05 -11.90 2.84
N GLU A 114 -3.10 -12.70 1.77
CA GLU A 114 -4.08 -13.77 1.63
C GLU A 114 -5.49 -13.23 1.84
N SER A 115 -5.82 -12.19 1.08
CA SER A 115 -7.05 -11.43 1.29
C SER A 115 -8.34 -12.15 0.92
N PHE A 116 -8.22 -13.30 0.25
CA PHE A 116 -9.40 -14.03 -0.22
C PHE A 116 -9.73 -15.22 0.68
N ASP A 117 -9.15 -15.20 1.89
CA ASP A 117 -9.42 -16.20 2.91
C ASP A 117 -9.16 -17.62 2.38
N ASP A 118 -10.07 -18.57 2.58
CA ASP A 118 -9.85 -19.94 2.16
CA ASP A 118 -9.85 -19.94 2.16
C ASP A 118 -9.60 -20.04 0.65
N TYR A 119 -10.13 -19.08 -0.10
CA TYR A 119 -10.00 -19.10 -1.56
C TYR A 119 -8.64 -18.58 -2.03
N SER A 120 -7.85 -17.99 -1.14
CA SER A 120 -6.52 -17.53 -1.51
C SER A 120 -5.65 -18.71 -1.96
N ASP A 121 -6.03 -19.92 -1.53
CA ASP A 121 -5.34 -21.13 -1.98
C ASP A 121 -5.38 -21.31 -3.49
N ASP A 122 -6.44 -20.80 -4.12
CA ASP A 122 -6.59 -20.93 -5.57
C ASP A 122 -5.78 -19.88 -6.32
N VAL A 123 -5.22 -18.90 -5.59
CA VAL A 123 -4.42 -17.86 -6.21
C VAL A 123 -3.04 -18.37 -6.54
N CYS A 124 -2.58 -18.11 -7.76
CA CYS A 124 -1.23 -18.48 -8.18
C CYS A 124 -0.29 -17.29 -8.09
N GLY A 125 -0.76 -16.14 -8.55
CA GLY A 125 0.07 -14.95 -8.59
C GLY A 125 -0.62 -13.79 -9.27
N ALA A 126 0.14 -12.76 -9.57
CA ALA A 126 -0.37 -11.58 -10.23
C ALA A 126 0.66 -11.04 -11.22
N VAL A 127 0.17 -10.36 -12.24
CA VAL A 127 1.00 -9.86 -13.33
C VAL A 127 0.62 -8.43 -13.66
N VAL A 128 1.62 -7.55 -13.78
CA VAL A 128 1.39 -6.23 -14.34
C VAL A 128 2.12 -6.10 -15.67
N ASN A 129 1.35 -5.78 -16.71
CA ASN A 129 1.89 -5.51 -18.03
C ASN A 129 1.93 -4.01 -18.27
N VAL A 130 3.11 -3.47 -18.54
CA VAL A 130 3.23 -2.06 -18.92
C VAL A 130 3.23 -1.98 -20.44
N ARG A 131 2.19 -1.34 -20.97
CA ARG A 131 1.99 -1.24 -22.41
C ARG A 131 1.54 0.16 -22.79
N ALA A 132 2.10 0.69 -23.88
CA ALA A 132 1.67 1.98 -24.42
C ALA A 132 0.20 1.91 -24.80
N LYS A 133 -0.24 0.72 -25.22
CA LYS A 133 -1.63 0.49 -25.60
C LYS A 133 -2.56 0.67 -24.40
N GLY A 134 -2.02 0.47 -23.20
CA GLY A 134 -2.80 0.52 -21.98
C GLY A 134 -2.32 -0.56 -21.03
N ASP A 135 -1.93 -0.16 -19.83
CA ASP A 135 -1.39 -1.11 -18.87
C ASP A 135 -2.46 -2.11 -18.43
N LYS A 136 -2.00 -3.25 -17.94
CA LYS A 136 -2.89 -4.29 -17.47
C LYS A 136 -2.39 -4.89 -16.16
N ILE A 137 -3.32 -5.23 -15.28
CA ILE A 137 -3.01 -5.99 -14.07
C ILE A 137 -3.96 -7.16 -13.98
N ALA A 138 -3.44 -8.31 -13.54
CA ALA A 138 -4.25 -9.51 -13.46
C ALA A 138 -3.89 -10.38 -12.27
N ILE A 139 -4.90 -11.01 -11.67
CA ILE A 139 -4.67 -12.07 -10.69
C ILE A 139 -4.95 -13.41 -11.35
N TRP A 140 -3.94 -14.27 -11.34
CA TRP A 140 -4.02 -15.60 -11.91
C TRP A 140 -4.48 -16.60 -10.88
N THR A 141 -5.45 -17.44 -11.23
CA THR A 141 -5.91 -18.51 -10.34
C THR A 141 -5.77 -19.86 -11.03
N THR A 142 -5.89 -20.92 -10.25
CA THR A 142 -5.41 -22.24 -10.68
C THR A 142 -6.44 -23.12 -11.42
N GLU A 143 -7.73 -22.85 -11.24
CA GLU A 143 -8.78 -23.65 -11.87
CA GLU A 143 -8.79 -23.65 -11.85
C GLU A 143 -9.91 -22.76 -12.39
N CYS A 144 -9.98 -22.62 -13.71
CA CYS A 144 -10.95 -21.72 -14.34
C CYS A 144 -12.39 -22.21 -14.23
N GLU A 145 -12.57 -23.47 -13.84
CA GLU A 145 -13.91 -24.05 -13.75
C GLU A 145 -14.47 -24.00 -12.32
N ASN A 146 -13.66 -23.56 -11.35
CA ASN A 146 -14.16 -23.39 -10.00
C ASN A 146 -14.86 -22.05 -9.86
N ARG A 147 -16.13 -22.02 -10.26
CA ARG A 147 -16.92 -20.80 -10.25
C ARG A 147 -16.95 -20.15 -8.88
N GLU A 148 -17.11 -20.98 -7.84
CA GLU A 148 -17.18 -20.51 -6.46
C GLU A 148 -15.96 -19.68 -6.09
N ALA A 149 -14.78 -20.28 -6.21
CA ALA A 149 -13.54 -19.62 -5.82
C ALA A 149 -13.23 -18.44 -6.73
N VAL A 150 -13.40 -18.63 -8.03
CA VAL A 150 -13.06 -17.61 -9.01
C VAL A 150 -13.89 -16.36 -8.82
N THR A 151 -15.21 -16.52 -8.65
CA THR A 151 -16.07 -15.36 -8.51
C THR A 151 -15.88 -14.66 -7.16
N HIS A 152 -15.54 -15.42 -6.12
CA HIS A 152 -15.26 -14.82 -4.82
C HIS A 152 -14.01 -13.94 -4.89
N ILE A 153 -12.96 -14.49 -5.47
CA ILE A 153 -11.71 -13.76 -5.65
C ILE A 153 -11.98 -12.49 -6.47
N GLY A 154 -12.75 -12.64 -7.54
CA GLY A 154 -13.08 -11.52 -8.39
C GLY A 154 -13.82 -10.42 -7.65
N ARG A 155 -14.84 -10.79 -6.90
CA ARG A 155 -15.66 -9.83 -6.17
C ARG A 155 -14.83 -9.05 -5.16
N VAL A 156 -14.01 -9.76 -4.40
CA VAL A 156 -13.21 -9.12 -3.35
C VAL A 156 -12.11 -8.25 -3.97
N TYR A 157 -11.52 -8.74 -5.05
CA TYR A 157 -10.44 -8.02 -5.72
C TYR A 157 -10.93 -6.69 -6.29
N LYS A 158 -12.07 -6.73 -6.99
CA LYS A 158 -12.63 -5.52 -7.57
C LYS A 158 -12.95 -4.51 -6.47
N GLU A 159 -13.51 -4.99 -5.36
CA GLU A 159 -13.86 -4.12 -4.25
C GLU A 159 -12.61 -3.52 -3.61
N ARG A 160 -11.57 -4.33 -3.49
CA ARG A 160 -10.34 -3.89 -2.84
CA ARG A 160 -10.35 -3.89 -2.83
C ARG A 160 -9.67 -2.77 -3.63
N LEU A 161 -9.81 -2.80 -4.95
CA LEU A 161 -9.20 -1.76 -5.76
CA LEU A 161 -9.24 -1.79 -5.85
C LEU A 161 -10.12 -0.56 -5.94
N GLY A 162 -11.34 -0.65 -5.43
CA GLY A 162 -12.26 0.48 -5.45
C GLY A 162 -12.74 0.87 -6.83
N LEU A 163 -12.81 -0.07 -7.75
CA LEU A 163 -13.29 0.22 -9.09
C LEU A 163 -14.76 0.58 -9.04
N PRO A 164 -15.20 1.55 -9.86
CA PRO A 164 -16.63 1.86 -9.88
C PRO A 164 -17.45 0.65 -10.33
N PRO A 165 -18.65 0.45 -9.74
CA PRO A 165 -19.46 -0.73 -10.08
C PRO A 165 -19.67 -0.92 -11.58
N LYS A 166 -19.80 0.17 -12.34
CA LYS A 166 -20.05 0.07 -13.78
C LYS A 166 -18.81 -0.32 -14.58
N ILE A 167 -17.67 -0.47 -13.90
CA ILE A 167 -16.47 -1.02 -14.53
C ILE A 167 -16.49 -2.53 -14.34
N VAL A 168 -16.95 -3.22 -15.38
CA VAL A 168 -17.05 -4.67 -15.35
C VAL A 168 -15.70 -5.28 -15.74
N ILE A 169 -15.18 -6.16 -14.88
CA ILE A 169 -13.93 -6.86 -15.18
C ILE A 169 -14.25 -8.31 -15.52
N GLY A 170 -13.39 -8.92 -16.32
CA GLY A 170 -13.62 -10.26 -16.82
C GLY A 170 -12.57 -11.26 -16.40
N TYR A 171 -13.01 -12.51 -16.29
CA TYR A 171 -12.12 -13.63 -16.02
C TYR A 171 -11.95 -14.47 -17.28
N GLN A 172 -10.71 -14.57 -17.77
CA GLN A 172 -10.38 -15.36 -18.95
C GLN A 172 -9.67 -16.66 -18.60
N SER A 173 -10.07 -17.75 -19.24
CA SER A 173 -9.32 -19.01 -19.14
CA SER A 173 -9.31 -18.99 -19.12
C SER A 173 -8.03 -18.87 -19.95
N HIS A 174 -6.92 -19.40 -19.41
CA HIS A 174 -5.65 -19.36 -20.12
C HIS A 174 -5.73 -20.15 -21.41
N ALA A 175 -6.50 -21.24 -21.39
CA ALA A 175 -6.66 -22.08 -22.57
C ALA A 175 -7.30 -21.29 -23.70
N ASP A 176 -8.24 -20.40 -23.36
CA ASP A 176 -8.88 -19.54 -24.36
C ASP A 176 -7.91 -18.46 -24.82
N THR A 177 -7.18 -17.87 -23.89
CA THR A 177 -6.22 -16.82 -24.22
C THR A 177 -5.14 -17.33 -25.15
N ALA A 178 -4.66 -18.54 -24.89
CA ALA A 178 -3.56 -19.12 -25.66
C ALA A 178 -3.93 -19.29 -27.14
N THR A 179 -5.22 -19.41 -27.42
CA THR A 179 -5.70 -19.63 -28.79
C THR A 179 -6.33 -18.38 -29.41
N LYS A 180 -6.25 -17.25 -28.70
CA LYS A 180 -6.69 -15.97 -29.25
C LYS A 180 -5.82 -14.83 -28.69
N SER A 181 -6.43 -13.86 -28.00
CA SER A 181 -5.70 -12.71 -27.48
C SER A 181 -6.44 -12.12 -26.29
N GLY A 182 -5.69 -11.61 -25.32
CA GLY A 182 -6.28 -11.13 -24.07
C GLY A 182 -7.35 -10.07 -24.24
N SER A 183 -7.38 -9.44 -25.42
CA SER A 183 -8.39 -8.43 -25.71
C SER A 183 -9.62 -9.04 -26.35
N THR A 184 -9.40 -9.91 -27.34
CA THR A 184 -10.48 -10.56 -28.06
C THR A 184 -10.89 -11.88 -27.41
N THR A 185 -10.24 -12.23 -26.30
CA THR A 185 -10.60 -13.43 -25.55
C THR A 185 -11.89 -13.19 -24.79
N LYS A 186 -12.89 -14.03 -25.04
CA LYS A 186 -14.16 -13.93 -24.34
C LYS A 186 -13.99 -14.39 -22.89
N ASN A 187 -14.90 -13.96 -22.03
CA ASN A 187 -14.79 -14.20 -20.60
C ASN A 187 -15.59 -15.42 -20.14
N ARG A 188 -15.09 -16.08 -19.11
CA ARG A 188 -15.83 -17.17 -18.45
C ARG A 188 -16.76 -16.59 -17.39
N PHE A 189 -16.33 -15.51 -16.76
CA PHE A 189 -17.11 -14.82 -15.73
C PHE A 189 -16.88 -13.32 -15.83
N VAL A 190 -17.85 -12.54 -15.32
CA VAL A 190 -17.65 -11.12 -15.11
C VAL A 190 -18.01 -10.76 -13.68
N VAL A 191 -17.46 -9.66 -13.17
CA VAL A 191 -17.87 -9.12 -11.88
C VAL A 191 -17.71 -7.61 -11.88
N ILE B 9 -17.60 -11.91 7.18
CA ILE B 9 -17.92 -11.09 6.01
C ILE B 9 -16.87 -10.00 5.84
N LYS B 10 -16.59 -9.27 6.92
CA LYS B 10 -15.56 -8.24 6.91
C LYS B 10 -14.42 -8.64 7.83
N HIS B 11 -13.28 -7.99 7.67
CA HIS B 11 -12.09 -8.31 8.45
C HIS B 11 -11.78 -7.20 9.43
N PRO B 12 -12.00 -7.45 10.73
CA PRO B 12 -11.73 -6.41 11.74
C PRO B 12 -10.28 -5.99 11.82
N LEU B 13 -10.06 -4.71 12.12
CA LEU B 13 -8.76 -4.21 12.51
C LEU B 13 -8.66 -4.33 14.03
N GLN B 14 -7.44 -4.28 14.55
CA GLN B 14 -7.23 -4.35 15.99
C GLN B 14 -7.83 -3.13 16.68
N ASN B 15 -7.77 -1.98 16.01
CA ASN B 15 -8.29 -0.74 16.55
C ASN B 15 -9.24 -0.04 15.60
N ARG B 16 -10.08 0.82 16.17
CA ARG B 16 -10.92 1.72 15.39
CA ARG B 16 -10.92 1.72 15.39
C ARG B 16 -10.13 3.01 15.15
N TRP B 17 -10.23 3.54 13.94
CA TRP B 17 -9.45 4.69 13.53
C TRP B 17 -10.33 5.80 13.00
N ALA B 18 -9.86 7.04 13.15
CA ALA B 18 -10.57 8.20 12.61
C ALA B 18 -9.66 8.97 11.69
N LEU B 19 -10.17 9.30 10.51
CA LEU B 19 -9.45 10.16 9.58
C LEU B 19 -9.91 11.61 9.77
N TRP B 20 -8.93 12.49 9.97
CA TRP B 20 -9.16 13.90 10.15
C TRP B 20 -8.57 14.69 9.00
N PHE B 21 -9.17 15.86 8.75
CA PHE B 21 -8.68 16.81 7.76
C PHE B 21 -8.53 18.17 8.41
N PHE B 22 -7.52 18.91 7.98
CA PHE B 22 -7.30 20.27 8.43
C PHE B 22 -7.34 21.19 7.24
N LYS B 23 -8.25 22.16 7.27
CA LYS B 23 -8.42 23.13 6.20
C LYS B 23 -7.75 24.43 6.60
N ASN B 24 -6.97 25.00 5.69
CA ASN B 24 -6.19 26.19 6.00
C ASN B 24 -7.02 27.48 5.94
N ASP B 25 -7.74 27.75 7.02
CA ASP B 25 -8.45 29.01 7.18
C ASP B 25 -7.80 29.76 8.35
N LYS B 26 -6.81 30.59 8.02
CA LYS B 26 -5.99 31.25 9.03
C LYS B 26 -6.79 32.25 9.87
N SER B 27 -7.97 32.64 9.39
CA SER B 27 -8.79 33.59 10.10
C SER B 27 -9.57 32.94 11.25
N LYS B 28 -9.26 31.67 11.52
CA LYS B 28 -9.88 30.94 12.61
C LYS B 28 -8.83 30.27 13.48
N THR B 29 -9.17 30.05 14.75
CA THR B 29 -8.27 29.36 15.67
C THR B 29 -7.99 27.95 15.15
N TRP B 30 -6.76 27.49 15.34
CA TRP B 30 -6.31 26.20 14.80
C TRP B 30 -7.30 25.09 15.05
N GLN B 31 -7.78 25.00 16.29
CA GLN B 31 -8.69 23.93 16.66
CA GLN B 31 -8.73 23.98 16.72
C GLN B 31 -10.00 23.99 15.88
N ALA B 32 -10.44 25.18 15.50
CA ALA B 32 -11.69 25.35 14.78
C ALA B 32 -11.61 24.81 13.35
N ASN B 33 -10.40 24.54 12.88
CA ASN B 33 -10.18 24.09 11.51
C ASN B 33 -10.11 22.57 11.35
N LEU B 34 -10.09 21.85 12.46
CA LEU B 34 -10.08 20.39 12.40
C LEU B 34 -11.44 19.85 11.97
N ARG B 35 -11.42 18.84 11.10
CA ARG B 35 -12.62 18.16 10.65
C ARG B 35 -12.45 16.66 10.75
N LEU B 36 -13.39 16.00 11.41
CA LEU B 36 -13.46 14.55 11.42
C LEU B 36 -14.16 14.10 10.15
N ILE B 37 -13.46 13.35 9.30
CA ILE B 37 -14.05 12.88 8.06
CA ILE B 37 -14.01 12.84 8.05
C ILE B 37 -14.87 11.62 8.31
N SER B 38 -14.24 10.55 8.76
CA SER B 38 -14.99 9.34 9.10
C SER B 38 -14.15 8.39 9.92
N LYS B 39 -14.80 7.36 10.44
CA LYS B 39 -14.15 6.33 11.24
C LYS B 39 -14.31 4.98 10.57
N PHE B 40 -13.41 4.06 10.88
CA PHE B 40 -13.48 2.70 10.36
C PHE B 40 -12.76 1.75 11.30
N ASP B 41 -13.15 0.47 11.24
CA ASP B 41 -12.51 -0.55 12.07
C ASP B 41 -12.42 -1.89 11.33
N THR B 42 -12.49 -1.85 10.00
CA THR B 42 -12.26 -3.04 9.18
C THR B 42 -11.31 -2.75 8.03
N VAL B 43 -10.69 -3.80 7.51
CA VAL B 43 -9.83 -3.68 6.34
C VAL B 43 -10.61 -3.13 5.16
N GLU B 44 -11.81 -3.67 4.93
CA GLU B 44 -12.67 -3.24 3.84
C GLU B 44 -12.98 -1.75 3.92
N ASP B 45 -13.32 -1.26 5.11
CA ASP B 45 -13.72 0.13 5.23
C ASP B 45 -12.52 1.07 5.15
N PHE B 46 -11.33 0.62 5.54
CA PHE B 46 -10.13 1.41 5.32
C PHE B 46 -9.91 1.66 3.84
N TRP B 47 -9.90 0.59 3.05
CA TRP B 47 -9.60 0.73 1.63
C TRP B 47 -10.69 1.48 0.89
N ALA B 48 -11.93 1.33 1.34
CA ALA B 48 -13.04 2.06 0.74
C ALA B 48 -12.84 3.55 0.93
N LEU B 49 -12.32 3.92 2.10
CA LEU B 49 -12.00 5.31 2.38
C LEU B 49 -10.80 5.76 1.57
N TYR B 50 -9.69 5.03 1.66
CA TYR B 50 -8.45 5.42 0.99
C TYR B 50 -8.62 5.55 -0.53
N ASN B 51 -9.37 4.62 -1.12
CA ASN B 51 -9.51 4.58 -2.56
C ASN B 51 -10.39 5.70 -3.12
N HIS B 52 -11.11 6.41 -2.26
CA HIS B 52 -12.08 7.41 -2.72
C HIS B 52 -11.96 8.76 -2.00
N ILE B 53 -10.76 9.07 -1.52
CA ILE B 53 -10.45 10.42 -1.02
C ILE B 53 -9.21 10.94 -1.74
N GLN B 54 -9.06 12.26 -1.76
CA GLN B 54 -7.92 12.91 -2.42
CA GLN B 54 -7.92 12.89 -2.44
C GLN B 54 -6.59 12.39 -1.89
N LEU B 55 -5.64 12.18 -2.80
CA LEU B 55 -4.29 11.81 -2.42
C LEU B 55 -3.64 13.00 -1.74
N SER B 56 -2.72 12.73 -0.83
CA SER B 56 -1.97 13.78 -0.15
CA SER B 56 -1.98 13.79 -0.15
C SER B 56 -1.27 14.68 -1.17
N SER B 57 -0.84 14.07 -2.27
CA SER B 57 -0.14 14.79 -3.34
C SER B 57 -1.06 15.78 -4.07
N ASN B 58 -2.34 15.76 -3.75
CA ASN B 58 -3.31 16.66 -4.39
C ASN B 58 -3.95 17.62 -3.41
N LEU B 59 -3.55 17.57 -2.15
CA LEU B 59 -4.05 18.52 -1.15
C LEU B 59 -3.48 19.90 -1.39
N MET B 60 -4.26 20.92 -1.07
CA MET B 60 -3.81 22.30 -1.17
C MET B 60 -2.78 22.60 -0.08
N PRO B 61 -1.88 23.56 -0.32
CA PRO B 61 -0.90 23.93 0.70
C PRO B 61 -1.58 24.42 1.98
N GLY B 62 -1.10 23.96 3.13
CA GLY B 62 -1.65 24.36 4.42
C GLY B 62 -2.62 23.35 4.99
N CYS B 63 -2.89 22.28 4.24
CA CYS B 63 -3.84 21.26 4.67
C CYS B 63 -3.14 20.02 5.23
N ASP B 64 -3.86 19.30 6.09
CA ASP B 64 -3.37 18.07 6.71
C ASP B 64 -4.37 16.93 6.60
N TYR B 65 -3.85 15.70 6.53
CA TYR B 65 -4.59 14.51 6.93
C TYR B 65 -4.00 14.02 8.23
N SER B 66 -4.85 13.51 9.11
CA SER B 66 -4.38 12.81 10.31
C SER B 66 -5.20 11.55 10.50
N LEU B 67 -4.54 10.43 10.78
CA LEU B 67 -5.25 9.21 11.16
C LEU B 67 -4.89 8.88 12.59
N PHE B 68 -5.89 8.91 13.46
CA PHE B 68 -5.67 8.65 14.88
C PHE B 68 -6.63 7.61 15.43
N LYS B 69 -6.18 6.89 16.44
CA LYS B 69 -7.02 5.92 17.11
C LYS B 69 -8.28 6.61 17.64
N ASP B 70 -9.39 5.89 17.55
CA ASP B 70 -10.68 6.38 18.03
C ASP B 70 -10.55 6.95 19.44
N GLY B 71 -11.00 8.20 19.60
CA GLY B 71 -11.02 8.84 20.90
C GLY B 71 -9.83 9.75 21.13
N ILE B 72 -8.83 9.68 20.26
CA ILE B 72 -7.69 10.59 20.36
C ILE B 72 -7.77 11.63 19.25
N GLU B 73 -7.92 12.89 19.64
CA GLU B 73 -7.93 13.96 18.65
C GLU B 73 -6.49 14.27 18.22
N PRO B 74 -6.29 14.68 16.97
CA PRO B 74 -4.95 14.87 16.41
C PRO B 74 -4.32 16.20 16.81
N MET B 75 -4.19 16.42 18.12
CA MET B 75 -3.67 17.67 18.63
C MET B 75 -2.86 17.40 19.90
N TRP B 76 -1.89 18.29 20.16
CA TRP B 76 -1.03 18.16 21.34
C TRP B 76 -1.82 18.03 22.63
N GLU B 77 -2.92 18.78 22.71
CA GLU B 77 -3.70 18.93 23.94
C GLU B 77 -4.40 17.67 24.42
N ASP B 78 -4.63 16.72 23.52
CA ASP B 78 -5.30 15.48 23.88
C ASP B 78 -4.50 14.78 24.97
N GLU B 79 -5.20 14.20 25.94
CA GLU B 79 -4.57 13.49 27.04
C GLU B 79 -3.53 12.47 26.58
N LYS B 80 -3.81 11.80 25.46
CA LYS B 80 -2.91 10.75 24.99
C LYS B 80 -1.73 11.30 24.20
N ASN B 81 -1.75 12.59 23.89
CA ASN B 81 -0.66 13.22 23.15
C ASN B 81 0.24 14.16 23.98
N LYS B 82 -0.31 14.84 24.99
CA LYS B 82 0.43 15.96 25.58
C LYS B 82 1.77 15.57 26.19
N ARG B 83 1.92 14.32 26.61
CA ARG B 83 3.22 13.83 27.12
C ARG B 83 4.01 13.11 26.04
N GLY B 84 3.51 13.19 24.81
CA GLY B 84 4.06 12.40 23.71
C GLY B 84 4.93 13.20 22.77
N GLY B 85 5.10 12.68 21.57
CA GLY B 85 5.95 13.32 20.58
C GLY B 85 5.75 12.63 19.25
N ARG B 86 6.63 12.95 18.30
CA ARG B 86 6.49 12.45 16.95
C ARG B 86 7.81 12.07 16.31
N TRP B 87 7.81 11.00 15.53
CA TRP B 87 8.87 10.70 14.58
C TRP B 87 8.57 11.44 13.30
N LEU B 88 9.45 12.35 12.91
CA LEU B 88 9.19 13.28 11.82
C LEU B 88 10.03 12.98 10.58
N ILE B 89 9.33 12.76 9.48
CA ILE B 89 9.95 12.69 8.16
C ILE B 89 9.75 14.01 7.47
N THR B 90 10.85 14.72 7.22
CA THR B 90 10.81 15.97 6.47
C THR B 90 11.19 15.66 5.03
N LEU B 91 10.23 15.72 4.12
CA LEU B 91 10.48 15.35 2.73
C LEU B 91 11.27 16.43 2.01
N ASN B 92 12.33 16.02 1.32
CA ASN B 92 13.01 16.92 0.40
C ASN B 92 12.20 16.98 -0.88
N LYS B 93 12.65 17.79 -1.84
CA LYS B 93 11.85 18.06 -3.02
C LYS B 93 11.63 16.83 -3.89
N GLN B 94 12.65 15.99 -4.03
CA GLN B 94 12.50 14.77 -4.84
C GLN B 94 11.56 13.78 -4.16
N GLN B 95 11.60 13.73 -2.83
CA GLN B 95 10.69 12.86 -2.08
C GLN B 95 9.25 13.34 -2.19
N ARG B 96 9.07 14.65 -2.18
CA ARG B 96 7.73 15.24 -2.33
C ARG B 96 7.14 14.84 -3.67
N ARG B 97 7.98 14.80 -4.69
CA ARG B 97 7.53 14.56 -6.05
C ARG B 97 7.16 13.09 -6.29
N SER B 98 7.99 12.17 -5.79
CA SER B 98 7.86 10.76 -6.15
C SER B 98 7.54 9.82 -4.99
N ASP B 99 7.62 10.29 -3.74
CA ASP B 99 7.47 9.42 -2.58
C ASP B 99 6.32 9.76 -1.63
N LEU B 100 5.73 10.95 -1.76
CA LEU B 100 4.77 11.43 -0.76
C LEU B 100 3.60 10.45 -0.55
N ASP B 101 2.94 10.07 -1.64
CA ASP B 101 1.79 9.19 -1.51
C ASP B 101 2.22 7.81 -1.02
N ARG B 102 3.37 7.32 -1.46
CA ARG B 102 3.86 6.03 -0.99
C ARG B 102 4.14 6.07 0.51
N PHE B 103 4.84 7.12 0.96
CA PHE B 103 5.14 7.28 2.38
C PHE B 103 3.88 7.33 3.23
N TRP B 104 2.88 8.07 2.78
CA TRP B 104 1.67 8.21 3.58
C TRP B 104 0.91 6.89 3.63
N LEU B 105 0.72 6.22 2.49
CA LEU B 105 0.02 4.94 2.53
C LEU B 105 0.79 3.95 3.40
N GLU B 106 2.11 3.88 3.26
CA GLU B 106 2.88 2.93 4.05
C GLU B 106 2.79 3.28 5.53
N THR B 107 2.69 4.56 5.85
CA THR B 107 2.48 5.01 7.22
C THR B 107 1.12 4.54 7.73
N LEU B 108 0.08 4.77 6.93
CA LEU B 108 -1.27 4.30 7.28
C LEU B 108 -1.27 2.80 7.56
N LEU B 109 -0.54 2.04 6.75
CA LEU B 109 -0.53 0.59 6.91
C LEU B 109 0.21 0.18 8.18
N CYS B 110 1.24 0.95 8.57
CA CYS B 110 1.93 0.72 9.84
C CYS B 110 0.96 0.87 11.01
N LEU B 111 0.09 1.86 10.91
CA LEU B 111 -0.87 2.13 11.97
C LEU B 111 -1.93 1.03 12.04
N ILE B 112 -2.68 0.84 10.96
CA ILE B 112 -3.84 -0.04 11.01
C ILE B 112 -3.40 -1.50 11.12
N GLY B 113 -2.19 -1.79 10.67
CA GLY B 113 -1.64 -3.14 10.74
C GLY B 113 -0.87 -3.43 12.02
N GLU B 114 -0.76 -2.43 12.90
CA GLU B 114 -0.08 -2.57 14.19
C GLU B 114 1.33 -3.16 13.97
N SER B 115 2.10 -2.51 13.09
CA SER B 115 3.36 -3.07 12.61
C SER B 115 4.50 -3.03 13.61
N PHE B 116 4.27 -2.43 14.77
CA PHE B 116 5.32 -2.28 15.77
C PHE B 116 5.11 -3.24 16.95
N ASP B 117 4.28 -4.24 16.74
CA ASP B 117 4.04 -5.30 17.71
C ASP B 117 3.58 -4.71 19.05
N ASP B 118 4.18 -5.13 20.16
CA ASP B 118 3.80 -4.63 21.48
C ASP B 118 3.83 -3.12 21.55
N TYR B 119 4.75 -2.52 20.80
CA TYR B 119 4.99 -1.09 20.88
C TYR B 119 3.97 -0.27 20.11
N SER B 120 3.17 -0.91 19.26
CA SER B 120 2.11 -0.21 18.54
C SER B 120 1.10 0.41 19.48
N ASP B 121 1.00 -0.13 20.70
CA ASP B 121 0.10 0.44 21.70
C ASP B 121 0.50 1.87 22.05
N ASP B 122 1.77 2.21 21.87
CA ASP B 122 2.24 3.57 22.12
C ASP B 122 1.88 4.53 21.01
N VAL B 123 1.48 4.00 19.86
CA VAL B 123 1.14 4.83 18.72
C VAL B 123 -0.24 5.47 18.91
N CYS B 124 -0.30 6.77 18.66
CA CYS B 124 -1.56 7.50 18.73
C CYS B 124 -2.14 7.69 17.34
N GLY B 125 -1.29 8.00 16.38
CA GLY B 125 -1.74 8.25 15.04
C GLY B 125 -0.63 8.78 14.17
N ALA B 126 -0.99 9.36 13.03
CA ALA B 126 -0.02 9.93 12.12
C ALA B 126 -0.61 11.15 11.44
N VAL B 127 0.28 12.01 10.95
CA VAL B 127 -0.09 13.28 10.35
C VAL B 127 0.73 13.51 9.10
N VAL B 128 0.08 13.90 8.01
CA VAL B 128 0.80 14.45 6.86
C VAL B 128 0.43 15.93 6.71
N ASN B 129 1.45 16.77 6.71
CA ASN B 129 1.33 18.19 6.44
C ASN B 129 1.78 18.53 5.04
N VAL B 130 0.91 19.15 4.26
CA VAL B 130 1.28 19.69 2.96
C VAL B 130 1.55 21.18 3.10
N ARG B 131 2.81 21.57 2.90
CA ARG B 131 3.22 22.96 3.03
C ARG B 131 4.11 23.35 1.85
N ALA B 132 4.02 24.62 1.46
CA ALA B 132 4.86 25.15 0.39
C ALA B 132 6.34 25.01 0.74
N LYS B 133 6.65 25.19 2.01
CA LYS B 133 8.03 25.14 2.49
C LYS B 133 8.58 23.72 2.49
N GLY B 134 7.68 22.74 2.48
CA GLY B 134 8.08 21.34 2.49
C GLY B 134 7.06 20.45 3.19
N ASP B 135 6.82 19.28 2.63
CA ASP B 135 5.87 18.35 3.21
C ASP B 135 6.48 17.57 4.36
N LYS B 136 5.63 17.18 5.30
CA LYS B 136 6.04 16.43 6.48
C LYS B 136 5.09 15.26 6.71
N ILE B 137 5.65 14.13 7.13
CA ILE B 137 4.88 13.00 7.60
C ILE B 137 5.43 12.60 8.96
N ALA B 138 4.55 12.27 9.89
CA ALA B 138 4.98 11.91 11.23
C ALA B 138 4.08 10.87 11.88
N ILE B 139 4.69 10.01 12.69
CA ILE B 139 3.94 9.13 13.57
C ILE B 139 4.01 9.69 14.99
N TRP B 140 2.84 9.91 15.57
CA TRP B 140 2.72 10.42 16.93
C TRP B 140 2.63 9.29 17.93
N THR B 141 3.40 9.37 19.01
CA THR B 141 3.34 8.37 20.08
C THR B 141 3.04 9.06 21.41
N THR B 142 2.67 8.25 22.40
CA THR B 142 1.98 8.77 23.58
C THR B 142 2.87 9.21 24.74
N GLU B 143 4.11 8.72 24.78
CA GLU B 143 5.03 9.01 25.89
CA GLU B 143 5.01 8.98 25.90
C GLU B 143 6.45 9.18 25.39
N CYS B 144 6.93 10.42 25.41
CA CYS B 144 8.26 10.71 24.88
C CYS B 144 9.38 10.14 25.75
N GLU B 145 9.06 9.76 26.98
CA GLU B 145 10.07 9.21 27.90
C GLU B 145 10.12 7.67 27.86
N ASN B 146 9.24 7.07 27.07
CA ASN B 146 9.28 5.62 26.84
C ASN B 146 10.36 5.29 25.82
N ARG B 147 11.62 5.32 26.27
CA ARG B 147 12.76 5.24 25.35
C ARG B 147 12.73 3.98 24.49
N GLU B 148 12.47 2.84 25.11
CA GLU B 148 12.50 1.58 24.37
C GLU B 148 11.46 1.55 23.25
N ALA B 149 10.23 1.97 23.58
CA ALA B 149 9.16 1.97 22.60
C ALA B 149 9.43 2.98 21.49
N VAL B 150 9.82 4.19 21.87
CA VAL B 150 10.06 5.25 20.91
C VAL B 150 11.17 4.86 19.94
N THR B 151 12.28 4.32 20.46
CA THR B 151 13.39 3.91 19.61
C THR B 151 12.98 2.75 18.69
N HIS B 152 12.25 1.78 19.23
CA HIS B 152 11.80 0.65 18.43
C HIS B 152 10.91 1.10 17.27
N ILE B 153 9.93 1.94 17.58
CA ILE B 153 9.02 2.43 16.54
C ILE B 153 9.79 3.17 15.46
N GLY B 154 10.73 4.01 15.88
CA GLY B 154 11.50 4.81 14.94
C GLY B 154 12.30 3.96 13.97
N ARG B 155 12.99 2.96 14.50
CA ARG B 155 13.86 2.11 13.69
C ARG B 155 13.05 1.32 12.68
N VAL B 156 11.94 0.75 13.13
CA VAL B 156 11.09 -0.04 12.25
C VAL B 156 10.43 0.85 11.20
N TYR B 157 9.94 2.01 11.62
CA TYR B 157 9.29 2.96 10.72
C TYR B 157 10.23 3.38 9.59
N LYS B 158 11.45 3.78 9.95
CA LYS B 158 12.43 4.21 8.96
C LYS B 158 12.72 3.09 7.97
N GLU B 159 12.88 1.87 8.48
CA GLU B 159 13.14 0.70 7.64
C GLU B 159 11.94 0.39 6.74
N ARG B 160 10.74 0.46 7.31
CA ARG B 160 9.52 0.06 6.61
C ARG B 160 9.25 0.96 5.39
N LEU B 161 9.61 2.24 5.49
CA LEU B 161 9.41 3.18 4.37
C LEU B 161 10.61 3.22 3.45
N GLY B 162 11.67 2.50 3.80
CA GLY B 162 12.86 2.41 2.97
C GLY B 162 13.54 3.75 2.83
N LEU B 163 13.51 4.55 3.89
CA LEU B 163 14.16 5.86 3.87
C LEU B 163 15.67 5.66 3.73
N PRO B 164 16.35 6.57 3.03
CA PRO B 164 17.81 6.44 2.89
C PRO B 164 18.46 6.34 4.27
N PRO B 165 19.19 5.23 4.55
CA PRO B 165 19.75 5.02 5.89
C PRO B 165 20.68 6.14 6.35
N LYS B 166 21.36 6.78 5.40
CA LYS B 166 22.35 7.81 5.72
C LYS B 166 21.73 9.02 6.43
N ILE B 167 20.49 9.35 6.07
CA ILE B 167 19.81 10.51 6.62
C ILE B 167 18.98 10.13 7.84
N VAL B 168 19.29 10.70 9.00
CA VAL B 168 18.52 10.36 10.19
C VAL B 168 17.19 11.10 10.19
N ILE B 169 16.20 10.50 10.83
CA ILE B 169 14.97 11.19 11.17
C ILE B 169 14.99 11.46 12.67
N GLY B 170 14.22 12.44 13.12
CA GLY B 170 14.25 12.85 14.51
C GLY B 170 12.94 12.65 15.23
N TYR B 171 13.02 12.39 16.52
CA TYR B 171 11.86 12.34 17.40
C TYR B 171 11.80 13.61 18.24
N GLN B 172 10.69 14.34 18.13
CA GLN B 172 10.49 15.58 18.87
C GLN B 172 9.33 15.44 19.85
N SER B 173 9.50 15.94 21.07
CA SER B 173 8.40 15.94 22.03
C SER B 173 7.44 17.07 21.69
N HIS B 174 6.15 16.84 21.90
CA HIS B 174 5.14 17.83 21.59
C HIS B 174 5.29 19.05 22.49
N ALA B 175 5.69 18.77 23.73
CA ALA B 175 5.95 19.83 24.70
C ALA B 175 7.01 20.78 24.15
N ASP B 176 8.07 20.21 23.56
CA ASP B 176 9.13 21.03 22.99
C ASP B 176 8.63 21.77 21.75
N THR B 177 7.88 21.08 20.90
CA THR B 177 7.34 21.68 19.69
C THR B 177 6.40 22.85 20.04
N ALA B 178 5.59 22.64 21.08
CA ALA B 178 4.57 23.62 21.45
C ALA B 178 5.12 24.83 22.20
N THR B 179 6.34 24.73 22.72
CA THR B 179 6.98 25.87 23.36
C THR B 179 8.24 26.28 22.61
N LYS B 180 8.27 25.96 21.32
CA LYS B 180 9.41 26.27 20.46
C LYS B 180 9.62 27.77 20.34
N SER B 181 10.56 28.30 21.11
CA SER B 181 10.90 29.72 21.03
C SER B 181 11.92 29.99 19.92
N GLY B 182 12.39 28.92 19.28
CA GLY B 182 13.28 29.02 18.15
C GLY B 182 12.54 28.71 16.86
N SER B 183 13.27 28.17 15.88
CA SER B 183 12.69 27.83 14.59
C SER B 183 12.61 26.32 14.39
N THR B 184 13.42 25.58 15.15
CA THR B 184 13.44 24.13 15.08
C THR B 184 13.32 23.52 16.47
N THR B 185 12.64 22.37 16.54
CA THR B 185 12.54 21.63 17.79
C THR B 185 13.75 20.72 17.94
N LYS B 186 14.30 20.64 19.15
CA LYS B 186 15.40 19.73 19.41
C LYS B 186 14.89 18.29 19.33
N ASN B 187 15.80 17.36 19.03
CA ASN B 187 15.44 15.96 18.95
C ASN B 187 15.77 15.21 20.24
N ARG B 188 14.78 14.48 20.75
CA ARG B 188 15.00 13.61 21.90
C ARG B 188 15.77 12.37 21.46
N PHE B 189 15.46 11.92 20.25
CA PHE B 189 16.09 10.74 19.67
C PHE B 189 16.28 10.94 18.16
N VAL B 190 17.23 10.21 17.59
CA VAL B 190 17.36 10.13 16.13
C VAL B 190 17.62 8.68 15.72
N VAL B 191 17.23 8.33 14.50
CA VAL B 191 17.54 7.02 13.93
C VAL B 191 17.78 7.15 12.43
#